data_8QPJ
#
_entry.id   8QPJ
#
_cell.length_a   45.800
_cell.length_b   45.800
_cell.length_c   254.600
_cell.angle_alpha   90.00
_cell.angle_beta   90.00
_cell.angle_gamma   90.00
#
_symmetry.space_group_name_H-M   'P 43'
#
loop_
_entity.id
_entity.type
_entity.pdbx_description
1 polymer 'Methylenetetrahydrofolate reductase (NAD(P)H)'
2 water water
#
_entity_poly.entity_id   1
_entity_poly.type   'polypeptide(L)'
_entity_poly.pdbx_seq_one_letter_code
;MTLNTIALQLVPPNSDGPDGGREQAVEDARKVLRCAAETGLAGRIGHVMIPGMIEEDPDRPIPMKPKMDVLDFWTIIRPE
LPGIRGLCTQVTAFLDEPALRRRLGDLSAAGFDGIAFVGVPRTMNDGEGHGVAPTDALSMFADLVPNRGAILIPTRDGEQ
GRFEFKCERGATYGMTQLLYSDAIVGFLREFARRTDHRPEILLSFGFVPKLEAKVGLINWLIQDPGNPAVAAEQEFVRRL
AGLEPADKRKLMVDLYKRVIDGVADLGFPLSVHLEATYGVSVPAFETFAEMLAYWSPGQG
;
_entity_poly.pdbx_strand_id   A,B
#
# COMPACT_ATOMS: atom_id res chain seq x y z
N THR A 2 -3.88 -6.63 -6.46
CA THR A 2 -2.67 -5.90 -6.86
C THR A 2 -1.74 -5.72 -5.67
N LEU A 3 -0.43 -5.88 -5.93
CA LEU A 3 0.57 -5.83 -4.87
C LEU A 3 0.94 -4.39 -4.51
N ASN A 4 1.12 -3.55 -5.51
CA ASN A 4 1.56 -2.16 -5.32
C ASN A 4 2.67 -2.11 -4.28
N THR A 5 3.77 -2.79 -4.57
CA THR A 5 4.79 -3.07 -3.57
C THR A 5 6.19 -2.80 -4.11
N ILE A 6 7.11 -2.66 -3.15
CA ILE A 6 8.55 -2.72 -3.42
C ILE A 6 9.03 -4.08 -2.95
N ALA A 7 9.50 -4.90 -3.87
CA ALA A 7 9.98 -6.25 -3.59
C ALA A 7 11.49 -6.30 -3.75
N LEU A 8 12.15 -7.00 -2.84
CA LEU A 8 13.59 -7.23 -2.93
C LEU A 8 13.79 -8.71 -3.18
N GLN A 9 14.51 -9.03 -4.25
CA GLN A 9 14.87 -10.42 -4.52
C GLN A 9 15.86 -10.90 -3.47
N LEU A 10 15.60 -12.08 -2.91
CA LEU A 10 16.51 -12.73 -1.97
C LEU A 10 16.65 -14.18 -2.38
N VAL A 11 17.86 -14.57 -2.76
CA VAL A 11 18.13 -15.92 -3.24
C VAL A 11 18.38 -16.82 -2.03
N PRO A 12 17.76 -17.99 -1.96
CA PRO A 12 17.98 -18.88 -0.80
C PRO A 12 19.44 -19.27 -0.69
N PRO A 13 19.96 -19.38 0.53
CA PRO A 13 21.35 -19.79 0.72
C PRO A 13 21.58 -21.25 0.35
N ASN A 14 22.86 -21.58 0.13
CA ASN A 14 23.26 -22.98 0.02
C ASN A 14 22.83 -23.74 1.27
N SER A 15 22.32 -24.95 1.07
CA SER A 15 21.82 -25.78 2.15
C SER A 15 22.69 -27.00 2.39
N ASP A 16 23.93 -26.97 1.94
CA ASP A 16 24.85 -28.09 2.03
C ASP A 16 25.66 -28.10 3.33
N GLY A 17 25.46 -27.12 4.20
CA GLY A 17 26.14 -27.08 5.48
C GLY A 17 25.40 -27.87 6.53
N PRO A 18 26.01 -28.03 7.72
CA PRO A 18 25.30 -28.74 8.81
C PRO A 18 24.08 -27.98 9.29
N ASP A 19 24.07 -26.66 9.18
CA ASP A 19 22.89 -25.87 9.55
C ASP A 19 21.86 -25.82 8.44
N GLY A 20 22.17 -26.35 7.26
CA GLY A 20 21.26 -26.26 6.14
C GLY A 20 21.03 -24.84 5.66
N GLY A 21 22.01 -23.96 5.85
CA GLY A 21 21.91 -22.59 5.41
C GLY A 21 21.20 -21.66 6.35
N ARG A 22 20.78 -22.13 7.53
CA ARG A 22 19.94 -21.31 8.39
C ARG A 22 20.70 -20.13 8.95
N GLU A 23 21.94 -20.34 9.39
CA GLU A 23 22.75 -19.22 9.86
C GLU A 23 22.93 -18.19 8.75
N GLN A 24 23.25 -18.64 7.54
CA GLN A 24 23.40 -17.71 6.43
C GLN A 24 22.09 -16.98 6.15
N ALA A 25 20.96 -17.68 6.28
CA ALA A 25 19.68 -17.02 6.00
C ALA A 25 19.41 -15.91 7.01
N VAL A 26 19.70 -16.16 8.29
CA VAL A 26 19.51 -15.11 9.30
C VAL A 26 20.42 -13.92 9.00
N GLU A 27 21.69 -14.19 8.67
CA GLU A 27 22.61 -13.09 8.38
C GLU A 27 22.18 -12.32 7.14
N ASP A 28 21.66 -13.01 6.12
CA ASP A 28 21.16 -12.32 4.93
C ASP A 28 20.01 -11.39 5.27
N ALA A 29 19.04 -11.88 6.05
CA ALA A 29 17.93 -11.03 6.46
C ALA A 29 18.44 -9.81 7.23
N ARG A 30 19.37 -10.02 8.16
CA ARG A 30 19.91 -8.92 8.94
C ARG A 30 20.69 -7.95 8.07
N LYS A 31 21.39 -8.46 7.05
CA LYS A 31 22.08 -7.57 6.12
C LYS A 31 21.09 -6.72 5.34
N VAL A 32 19.92 -7.28 5.01
CA VAL A 32 18.89 -6.51 4.34
C VAL A 32 18.44 -5.34 5.21
N LEU A 33 18.11 -5.62 6.46
CA LEU A 33 17.63 -4.55 7.38
C LEU A 33 18.72 -3.51 7.54
N ARG A 34 19.94 -3.97 7.71
CA ARG A 34 21.08 -3.01 7.92
CA ARG A 34 21.08 -2.98 7.92
C ARG A 34 21.27 -2.10 6.67
N CYS A 35 21.20 -2.74 5.51
CA CYS A 35 21.47 -1.97 4.27
C CYS A 35 20.33 -0.98 4.03
N ALA A 36 19.08 -1.39 4.28
CA ALA A 36 17.95 -0.47 4.14
C ALA A 36 18.06 0.67 5.13
N ALA A 37 18.47 0.39 6.37
CA ALA A 37 18.57 1.43 7.37
C ALA A 37 19.63 2.45 6.99
N GLU A 38 20.77 1.98 6.49
CA GLU A 38 21.90 2.84 6.15
C GLU A 38 21.60 3.76 4.99
N THR A 39 20.59 3.44 4.17
CA THR A 39 20.35 4.17 2.93
C THR A 39 19.01 4.88 2.91
N GLY A 40 18.33 4.97 4.05
CA GLY A 40 17.08 5.69 4.15
C GLY A 40 15.87 4.91 3.71
N LEU A 41 15.97 3.58 3.64
CA LEU A 41 14.88 2.76 3.13
C LEU A 41 14.26 1.89 4.22
N ALA A 42 14.54 2.17 5.49
CA ALA A 42 13.99 1.35 6.56
C ALA A 42 12.47 1.35 6.49
N GLY A 43 11.88 0.16 6.49
CA GLY A 43 10.44 0.00 6.48
C GLY A 43 9.80 0.15 5.12
N ARG A 44 10.58 0.34 4.07
CA ARG A 44 10.04 0.63 2.74
C ARG A 44 9.81 -0.62 1.90
N ILE A 45 10.55 -1.69 2.15
CA ILE A 45 10.42 -2.92 1.37
C ILE A 45 9.19 -3.67 1.88
N GLY A 46 8.25 -3.97 0.97
CA GLY A 46 7.02 -4.63 1.36
C GLY A 46 7.06 -6.13 1.26
N HIS A 47 7.87 -6.64 0.33
CA HIS A 47 7.92 -8.07 0.04
C HIS A 47 9.35 -8.48 -0.26
N VAL A 48 9.66 -9.75 0.00
CA VAL A 48 10.86 -10.38 -0.53
C VAL A 48 10.43 -11.33 -1.64
N MET A 49 11.16 -11.29 -2.75
CA MET A 49 10.94 -12.17 -3.91
C MET A 49 11.95 -13.31 -3.82
N ILE A 50 11.47 -14.50 -3.48
CA ILE A 50 12.35 -15.66 -3.31
C ILE A 50 12.22 -16.52 -4.56
N PRO A 51 13.27 -16.68 -5.37
CA PRO A 51 13.18 -17.56 -6.53
C PRO A 51 13.18 -19.02 -6.09
N GLY A 52 12.27 -19.79 -6.67
CA GLY A 52 12.20 -21.23 -6.48
C GLY A 52 12.88 -21.97 -7.59
N MET A 53 13.64 -21.26 -8.42
CA MET A 53 14.37 -21.82 -9.54
C MET A 53 15.53 -20.88 -9.84
N ILE A 54 16.73 -21.44 -9.93
CA ILE A 54 17.94 -20.71 -10.32
C ILE A 54 18.51 -21.45 -11.52
N GLU A 55 18.51 -20.81 -12.68
CA GLU A 55 19.11 -21.41 -13.85
C GLU A 55 20.62 -21.50 -13.66
N GLU A 56 21.19 -22.61 -14.09
CA GLU A 56 22.63 -22.86 -13.93
C GLU A 56 23.32 -22.72 -15.28
N ASP A 57 24.38 -21.92 -15.32
CA ASP A 57 25.16 -21.74 -16.53
C ASP A 57 26.02 -22.98 -16.76
N PRO A 58 25.84 -23.69 -17.87
CA PRO A 58 26.58 -24.95 -18.04
C PRO A 58 28.08 -24.78 -18.17
N ASP A 59 28.56 -23.57 -18.48
CA ASP A 59 29.98 -23.35 -18.71
C ASP A 59 30.72 -22.89 -17.47
N ARG A 60 30.05 -22.73 -16.33
CA ARG A 60 30.73 -22.34 -15.11
C ARG A 60 31.50 -23.54 -14.56
N PRO A 61 32.77 -23.37 -14.18
CA PRO A 61 33.59 -24.55 -13.86
C PRO A 61 33.14 -25.32 -12.62
N ILE A 62 32.60 -24.64 -11.61
CA ILE A 62 32.29 -25.31 -10.36
C ILE A 62 30.78 -25.25 -10.14
N PRO A 63 30.17 -26.34 -9.68
CA PRO A 63 28.72 -26.44 -9.73
C PRO A 63 28.03 -25.62 -8.65
N MET A 64 26.76 -25.31 -8.92
CA MET A 64 25.91 -24.77 -7.89
C MET A 64 25.74 -25.80 -6.78
N LYS A 65 25.64 -25.32 -5.57
CA LYS A 65 25.32 -26.19 -4.46
C LYS A 65 23.81 -26.29 -4.30
N PRO A 66 23.31 -27.28 -3.57
CA PRO A 66 21.88 -27.31 -3.26
C PRO A 66 21.49 -26.04 -2.52
N LYS A 67 20.23 -25.63 -2.71
CA LYS A 67 19.73 -24.39 -2.14
C LYS A 67 18.57 -24.66 -1.21
N MET A 68 18.41 -23.78 -0.22
CA MET A 68 17.29 -23.90 0.72
C MET A 68 15.97 -23.84 -0.03
N ASP A 69 15.03 -24.67 0.39
CA ASP A 69 13.67 -24.58 -0.15
C ASP A 69 13.09 -23.20 0.13
N VAL A 70 12.27 -22.73 -0.82
CA VAL A 70 11.63 -21.42 -0.68
C VAL A 70 10.94 -21.28 0.67
N LEU A 71 10.17 -22.29 1.04
CA LEU A 71 9.37 -22.18 2.27
C LEU A 71 10.23 -22.38 3.52
N ASP A 72 11.26 -23.24 3.44
CA ASP A 72 12.21 -23.35 4.54
C ASP A 72 12.91 -22.02 4.78
N PHE A 73 13.35 -21.37 3.70
CA PHE A 73 14.04 -20.08 3.78
C PHE A 73 13.15 -19.02 4.40
N TRP A 74 11.92 -18.87 3.88
CA TRP A 74 10.99 -17.88 4.43
C TRP A 74 10.74 -18.12 5.91
N THR A 75 10.57 -19.38 6.32
CA THR A 75 10.30 -19.68 7.72
C THR A 75 11.41 -19.12 8.62
N ILE A 76 12.66 -19.21 8.14
CA ILE A 76 13.78 -18.76 8.95
C ILE A 76 13.87 -17.23 8.98
N ILE A 77 13.67 -16.58 7.83
CA ILE A 77 13.87 -15.14 7.75
C ILE A 77 12.66 -14.33 8.17
N ARG A 78 11.45 -14.90 8.08
CA ARG A 78 10.23 -14.19 8.46
C ARG A 78 10.28 -13.53 9.82
N PRO A 79 10.81 -14.17 10.88
CA PRO A 79 10.89 -13.47 12.18
C PRO A 79 11.86 -12.31 12.17
N GLU A 80 12.86 -12.31 11.29
CA GLU A 80 13.86 -11.27 11.23
C GLU A 80 13.41 -10.04 10.43
N LEU A 81 12.32 -10.14 9.67
CA LEU A 81 11.85 -9.06 8.80
C LEU A 81 10.42 -8.69 9.13
N PRO A 82 10.15 -8.26 10.35
CA PRO A 82 8.78 -7.93 10.74
C PRO A 82 8.11 -7.02 9.71
N GLY A 83 6.89 -7.37 9.31
CA GLY A 83 6.12 -6.58 8.39
C GLY A 83 6.28 -6.94 6.92
N ILE A 84 7.35 -7.66 6.57
CA ILE A 84 7.58 -8.02 5.17
C ILE A 84 6.82 -9.29 4.84
N ARG A 85 6.23 -9.34 3.64
CA ARG A 85 5.48 -10.48 3.16
C ARG A 85 6.25 -11.19 2.05
N GLY A 86 5.67 -12.27 1.53
CA GLY A 86 6.36 -13.15 0.59
C GLY A 86 5.85 -13.03 -0.84
N LEU A 87 6.80 -13.08 -1.80
CA LEU A 87 6.55 -13.42 -3.18
C LEU A 87 7.53 -14.53 -3.56
N CYS A 88 7.19 -15.30 -4.59
CA CYS A 88 8.12 -16.36 -5.00
C CYS A 88 7.89 -16.72 -6.46
N THR A 89 8.84 -17.47 -7.01
CA THR A 89 8.61 -18.29 -8.18
C THR A 89 8.52 -19.75 -7.75
N GLN A 90 7.84 -20.55 -8.55
CA GLN A 90 7.56 -21.93 -8.19
C GLN A 90 7.58 -22.78 -9.45
N VAL A 91 8.38 -23.84 -9.44
CA VAL A 91 8.39 -24.83 -10.50
C VAL A 91 7.18 -25.73 -10.33
N THR A 92 6.40 -25.88 -11.40
CA THR A 92 5.17 -26.66 -11.35
C THR A 92 5.28 -28.01 -12.03
N ALA A 93 6.42 -28.33 -12.63
CA ALA A 93 6.55 -29.58 -13.38
C ALA A 93 6.46 -30.83 -12.50
N PHE A 94 6.70 -30.70 -11.20
CA PHE A 94 6.62 -31.85 -10.28
C PHE A 94 5.49 -31.72 -9.28
N LEU A 95 4.42 -31.05 -9.68
CA LEU A 95 3.26 -30.81 -8.82
C LEU A 95 2.01 -31.14 -9.62
N ASP A 96 1.44 -32.31 -9.40
CA ASP A 96 0.13 -32.59 -9.99
C ASP A 96 -0.89 -31.64 -9.39
N GLU A 97 -2.13 -31.72 -9.86
CA GLU A 97 -3.12 -30.74 -9.39
C GLU A 97 -3.33 -30.83 -7.89
N PRO A 98 -3.55 -32.03 -7.30
CA PRO A 98 -3.61 -32.11 -5.82
C PRO A 98 -2.41 -31.50 -5.11
N ALA A 99 -1.19 -31.83 -5.56
CA ALA A 99 -0.01 -31.34 -4.86
C ALA A 99 0.17 -29.83 -5.05
N LEU A 100 -0.36 -29.27 -6.13
CA LEU A 100 -0.25 -27.82 -6.39
C LEU A 100 -1.16 -27.10 -5.40
N ARG A 101 -2.34 -27.64 -5.11
CA ARG A 101 -3.24 -27.06 -4.11
C ARG A 101 -2.56 -27.11 -2.73
N ARG A 102 -1.84 -28.20 -2.42
CA ARG A 102 -1.18 -28.36 -1.11
C ARG A 102 -0.08 -27.30 -0.96
N ARG A 103 0.77 -27.16 -1.98
CA ARG A 103 1.82 -26.15 -1.94
C ARG A 103 1.23 -24.74 -1.84
N LEU A 104 0.15 -24.48 -2.58
CA LEU A 104 -0.45 -23.15 -2.55
C LEU A 104 -1.01 -22.83 -1.17
N GLY A 105 -1.67 -23.80 -0.55
CA GLY A 105 -2.17 -23.59 0.81
C GLY A 105 -1.04 -23.32 1.78
N ASP A 106 0.09 -24.02 1.63
CA ASP A 106 1.21 -23.82 2.54
C ASP A 106 1.81 -22.42 2.37
N LEU A 107 1.96 -21.97 1.12
CA LEU A 107 2.54 -20.66 0.86
C LEU A 107 1.60 -19.54 1.27
N SER A 108 0.30 -19.69 0.99
CA SER A 108 -0.68 -18.73 1.48
C SER A 108 -0.64 -18.61 3.01
N ALA A 109 -0.76 -19.75 3.69
CA ALA A 109 -0.75 -19.72 5.16
C ALA A 109 0.52 -19.09 5.72
N ALA A 110 1.63 -19.24 5.02
CA ALA A 110 2.90 -18.69 5.47
C ALA A 110 3.05 -17.20 5.20
N GLY A 111 2.14 -16.59 4.45
CA GLY A 111 2.17 -15.17 4.19
C GLY A 111 2.67 -14.77 2.83
N PHE A 112 2.62 -15.65 1.84
CA PHE A 112 2.97 -15.29 0.48
C PHE A 112 1.75 -14.67 -0.20
N ASP A 113 1.97 -13.55 -0.90
CA ASP A 113 0.91 -12.85 -1.58
C ASP A 113 0.92 -13.05 -3.08
N GLY A 114 2.06 -13.40 -3.65
CA GLY A 114 2.16 -13.61 -5.08
C GLY A 114 3.04 -14.81 -5.37
N ILE A 115 2.74 -15.48 -6.48
CA ILE A 115 3.49 -16.63 -6.93
C ILE A 115 3.55 -16.58 -8.45
N ALA A 116 4.76 -16.62 -9.01
CA ALA A 116 4.97 -16.71 -10.45
C ALA A 116 5.43 -18.13 -10.77
N PHE A 117 4.66 -18.83 -11.61
CA PHE A 117 4.99 -20.21 -11.96
C PHE A 117 5.99 -20.23 -13.10
N VAL A 118 7.01 -21.07 -12.97
CA VAL A 118 8.13 -21.09 -13.91
C VAL A 118 8.49 -22.53 -14.26
N GLY A 119 9.33 -22.66 -15.29
CA GLY A 119 9.79 -23.95 -15.75
C GLY A 119 11.05 -24.41 -15.03
N VAL A 120 11.61 -25.50 -15.52
CA VAL A 120 12.82 -26.09 -14.93
C VAL A 120 14.04 -25.61 -15.69
N PRO A 121 15.21 -25.47 -15.05
CA PRO A 121 16.43 -25.15 -15.80
C PRO A 121 16.68 -26.09 -16.98
N ARG A 122 17.42 -25.56 -17.96
CA ARG A 122 17.75 -26.30 -19.16
C ARG A 122 18.56 -27.56 -18.87
N THR A 123 19.24 -27.63 -17.73
CA THR A 123 20.14 -28.73 -17.43
C THR A 123 19.54 -29.73 -16.44
N MET A 124 18.25 -29.61 -16.13
CA MET A 124 17.56 -30.61 -15.30
C MET A 124 16.49 -31.31 -16.11
N GLY A 129 8.27 -35.42 -13.93
CA GLY A 129 7.53 -34.46 -14.71
C GLY A 129 6.09 -34.88 -14.94
N HIS A 130 5.26 -34.68 -13.91
CA HIS A 130 3.86 -35.10 -13.96
C HIS A 130 2.90 -33.98 -13.62
N GLY A 131 3.39 -32.75 -13.44
CA GLY A 131 2.59 -31.68 -12.90
C GLY A 131 1.91 -30.83 -13.97
N VAL A 132 1.57 -29.63 -13.57
CA VAL A 132 0.90 -28.67 -14.44
C VAL A 132 1.96 -27.82 -15.12
N ALA A 133 1.73 -27.50 -16.39
CA ALA A 133 2.57 -26.50 -17.04
C ALA A 133 2.36 -25.16 -16.33
N PRO A 134 3.39 -24.33 -16.26
CA PRO A 134 3.25 -23.05 -15.53
C PRO A 134 2.03 -22.24 -15.93
N THR A 135 1.73 -22.14 -17.22
CA THR A 135 0.64 -21.29 -17.65
C THR A 135 -0.72 -21.88 -17.33
N ASP A 136 -0.81 -23.20 -17.20
CA ASP A 136 -2.08 -23.80 -16.77
C ASP A 136 -2.31 -23.61 -15.28
N ALA A 137 -1.24 -23.44 -14.49
CA ALA A 137 -1.41 -23.26 -13.06
C ALA A 137 -2.00 -21.90 -12.70
N LEU A 138 -1.78 -20.90 -13.58
CA LEU A 138 -2.17 -19.53 -13.25
C LEU A 138 -3.60 -19.44 -12.70
N SER A 139 -4.53 -20.17 -13.30
CA SER A 139 -5.95 -20.03 -13.00
C SER A 139 -6.46 -21.04 -11.98
N MET A 140 -5.57 -21.76 -11.31
CA MET A 140 -5.99 -22.83 -10.40
C MET A 140 -6.00 -22.33 -8.96
N PHE A 141 -7.06 -22.71 -8.22
CA PHE A 141 -7.21 -22.36 -6.80
C PHE A 141 -6.89 -20.90 -6.57
N ALA A 142 -7.52 -20.03 -7.37
CA ALA A 142 -7.11 -18.63 -7.45
C ALA A 142 -7.28 -17.87 -6.15
N ASP A 143 -8.03 -18.41 -5.19
CA ASP A 143 -8.16 -17.77 -3.89
C ASP A 143 -6.89 -17.88 -3.05
N LEU A 144 -6.01 -18.84 -3.38
CA LEU A 144 -4.77 -19.05 -2.64
C LEU A 144 -3.64 -18.31 -3.35
N VAL A 145 -2.88 -17.51 -2.59
CA VAL A 145 -1.83 -16.67 -3.17
C VAL A 145 -2.40 -16.01 -4.41
N PRO A 146 -3.32 -15.04 -4.27
CA PRO A 146 -4.17 -14.64 -5.40
C PRO A 146 -3.49 -13.77 -6.44
N ASN A 147 -2.27 -13.35 -6.21
CA ASN A 147 -1.49 -12.65 -7.24
C ASN A 147 -0.68 -13.72 -7.98
N ARG A 148 -0.97 -13.89 -9.27
CA ARG A 148 -0.46 -15.00 -10.07
C ARG A 148 0.40 -14.43 -11.18
N GLY A 149 1.68 -14.77 -11.18
CA GLY A 149 2.68 -14.08 -11.98
C GLY A 149 3.14 -14.88 -13.19
N ALA A 150 3.30 -14.17 -14.31
CA ALA A 150 4.00 -14.67 -15.48
C ALA A 150 5.30 -13.90 -15.62
N ILE A 151 6.30 -14.55 -16.23
CA ILE A 151 7.57 -13.90 -16.53
C ILE A 151 7.41 -13.14 -17.85
N LEU A 152 7.91 -11.91 -17.89
CA LEU A 152 7.77 -11.02 -19.04
C LEU A 152 9.16 -10.56 -19.44
N ILE A 153 9.56 -10.87 -20.68
CA ILE A 153 10.82 -10.43 -21.25
C ILE A 153 10.52 -9.59 -22.47
N PRO A 154 10.50 -8.26 -22.34
CA PRO A 154 9.93 -7.43 -23.41
C PRO A 154 10.74 -7.41 -24.70
N THR A 155 11.97 -7.91 -24.70
CA THR A 155 12.81 -7.96 -25.89
C THR A 155 12.65 -9.25 -26.67
N ARG A 156 11.99 -10.23 -26.09
CA ARG A 156 11.97 -11.58 -26.62
C ARG A 156 11.06 -11.67 -27.84
N ASP A 157 11.53 -12.35 -28.88
N ASP A 157 11.53 -12.36 -28.87
CA ASP A 157 10.72 -12.53 -30.08
CA ASP A 157 10.73 -12.52 -30.09
C ASP A 157 9.36 -13.12 -29.71
C ASP A 157 9.39 -13.15 -29.76
N GLY A 158 8.31 -12.52 -30.26
CA GLY A 158 6.97 -13.06 -30.06
C GLY A 158 6.35 -12.81 -28.71
N GLU A 159 6.91 -11.91 -27.90
CA GLU A 159 6.44 -11.75 -26.53
C GLU A 159 5.07 -11.10 -26.46
N GLN A 160 4.66 -10.35 -27.48
CA GLN A 160 3.32 -9.75 -27.46
C GLN A 160 2.25 -10.84 -27.39
N GLY A 161 2.32 -11.82 -28.30
CA GLY A 161 1.36 -12.90 -28.28
C GLY A 161 1.56 -13.87 -27.13
N ARG A 162 2.81 -14.07 -26.72
CA ARG A 162 3.10 -14.97 -25.61
C ARG A 162 2.53 -14.43 -24.30
N PHE A 163 2.77 -13.14 -24.01
CA PHE A 163 2.28 -12.56 -22.77
C PHE A 163 0.76 -12.33 -22.80
N GLU A 164 0.21 -11.95 -23.95
CA GLU A 164 -1.23 -11.82 -24.05
C GLU A 164 -1.92 -13.13 -23.69
N PHE A 165 -1.41 -14.24 -24.22
CA PHE A 165 -1.99 -15.53 -23.92
C PHE A 165 -1.93 -15.82 -22.41
N LYS A 166 -0.82 -15.51 -21.78
CA LYS A 166 -0.69 -15.76 -20.35
C LYS A 166 -1.68 -14.89 -19.56
N CYS A 167 -1.97 -13.68 -20.04
CA CYS A 167 -3.02 -12.89 -19.43
C CYS A 167 -4.39 -13.52 -19.65
N GLU A 168 -4.64 -14.07 -20.85
CA GLU A 168 -5.88 -14.78 -21.09
C GLU A 168 -6.04 -15.94 -20.11
N ARG A 169 -4.93 -16.62 -19.80
CA ARG A 169 -4.99 -17.81 -18.96
C ARG A 169 -4.98 -17.48 -17.46
N GLY A 170 -4.90 -16.20 -17.12
CA GLY A 170 -5.15 -15.78 -15.74
C GLY A 170 -3.99 -15.11 -15.03
N ALA A 171 -2.99 -14.65 -15.76
CA ALA A 171 -1.90 -13.92 -15.10
C ALA A 171 -2.45 -12.59 -14.60
N THR A 172 -2.21 -12.30 -13.32
CA THR A 172 -2.58 -10.99 -12.79
C THR A 172 -1.39 -10.04 -12.70
N TYR A 173 -0.17 -10.54 -12.80
CA TYR A 173 0.99 -9.66 -12.86
C TYR A 173 2.07 -10.29 -13.72
N GLY A 174 2.92 -9.43 -14.27
CA GLY A 174 4.07 -9.85 -15.03
C GLY A 174 5.33 -9.40 -14.33
N MET A 175 6.18 -10.34 -13.94
CA MET A 175 7.49 -10.04 -13.40
C MET A 175 8.49 -9.96 -14.55
N THR A 176 9.08 -8.78 -14.76
CA THR A 176 9.97 -8.61 -15.90
C THR A 176 11.34 -9.21 -15.60
N GLN A 177 11.99 -9.65 -16.67
CA GLN A 177 13.44 -9.82 -16.66
C GLN A 177 14.08 -8.50 -16.28
N LEU A 178 15.33 -8.57 -15.80
CA LEU A 178 16.09 -7.36 -15.53
C LEU A 178 15.97 -6.40 -16.71
N LEU A 179 15.72 -5.13 -16.41
CA LEU A 179 15.50 -4.10 -17.41
C LEU A 179 16.72 -3.19 -17.49
N TYR A 180 17.39 -3.20 -18.64
CA TYR A 180 18.57 -2.36 -18.89
C TYR A 180 18.38 -1.49 -20.13
N SER A 181 17.14 -1.31 -20.56
CA SER A 181 16.77 -0.38 -21.62
C SER A 181 15.32 -0.01 -21.44
N ASP A 182 14.84 0.92 -22.28
CA ASP A 182 13.44 1.27 -22.29
C ASP A 182 12.60 0.37 -23.21
N ALA A 183 13.07 -0.84 -23.51
CA ALA A 183 12.29 -1.74 -24.36
C ALA A 183 10.93 -2.03 -23.75
N ILE A 184 10.82 -2.03 -22.41
CA ILE A 184 9.55 -2.30 -21.76
C ILE A 184 8.53 -1.21 -22.07
N VAL A 185 8.99 0.00 -22.38
CA VAL A 185 8.07 1.08 -22.70
C VAL A 185 7.36 0.80 -24.02
N GLY A 186 8.14 0.54 -25.07
CA GLY A 186 7.53 0.21 -26.34
C GLY A 186 6.72 -1.06 -26.27
N PHE A 187 7.19 -2.03 -25.48
CA PHE A 187 6.41 -3.26 -25.34
C PHE A 187 5.02 -2.98 -24.77
N LEU A 188 4.96 -2.32 -23.60
CA LEU A 188 3.68 -2.08 -22.96
C LEU A 188 2.82 -1.12 -23.76
N ARG A 189 3.41 -0.19 -24.51
CA ARG A 189 2.59 0.70 -25.32
C ARG A 189 1.85 -0.10 -26.39
N GLU A 190 2.54 -1.07 -27.01
CA GLU A 190 1.91 -1.88 -28.04
C GLU A 190 0.96 -2.90 -27.44
N PHE A 191 1.28 -3.40 -26.24
CA PHE A 191 0.38 -4.32 -25.55
C PHE A 191 -0.93 -3.63 -25.17
N ALA A 192 -0.82 -2.40 -24.67
CA ALA A 192 -2.01 -1.64 -24.30
C ALA A 192 -2.85 -1.31 -25.53
N ARG A 193 -2.19 -1.01 -26.65
CA ARG A 193 -2.91 -0.74 -27.89
C ARG A 193 -3.62 -1.98 -28.40
N ARG A 194 -2.94 -3.13 -28.36
CA ARG A 194 -3.49 -4.34 -28.98
C ARG A 194 -4.52 -5.03 -28.11
N THR A 195 -4.39 -4.93 -26.78
CA THR A 195 -5.19 -5.74 -25.87
C THR A 195 -5.84 -4.89 -24.80
N ASP A 196 -6.80 -5.50 -24.12
CA ASP A 196 -7.46 -4.90 -22.96
C ASP A 196 -6.81 -5.30 -21.65
N HIS A 197 -5.80 -6.19 -21.70
CA HIS A 197 -5.25 -6.76 -20.49
C HIS A 197 -4.38 -5.72 -19.79
N ARG A 198 -4.63 -5.51 -18.50
CA ARG A 198 -3.84 -4.57 -17.70
C ARG A 198 -3.33 -5.26 -16.45
N PRO A 199 -2.49 -6.30 -16.62
CA PRO A 199 -1.85 -6.91 -15.45
C PRO A 199 -0.95 -5.92 -14.74
N GLU A 200 -0.77 -6.12 -13.45
CA GLU A 200 0.27 -5.39 -12.72
C GLU A 200 1.63 -5.78 -13.27
N ILE A 201 2.52 -4.80 -13.42
CA ILE A 201 3.85 -5.04 -13.94
C ILE A 201 4.81 -4.87 -12.78
N LEU A 202 5.56 -5.92 -12.46
CA LEU A 202 6.59 -5.89 -11.43
C LEU A 202 7.89 -5.60 -12.16
N LEU A 203 8.29 -4.33 -12.18
CA LEU A 203 9.43 -3.86 -12.94
C LEU A 203 10.72 -4.21 -12.22
N SER A 204 11.56 -5.02 -12.87
CA SER A 204 12.78 -5.53 -12.25
C SER A 204 13.98 -4.67 -12.64
N PHE A 205 14.74 -4.26 -11.65
CA PHE A 205 15.92 -3.43 -11.80
C PHE A 205 17.04 -4.07 -10.99
N GLY A 206 18.18 -4.29 -11.65
CA GLY A 206 19.28 -5.02 -11.06
C GLY A 206 20.55 -4.21 -10.95
N PHE A 207 21.04 -4.04 -9.73
CA PHE A 207 22.28 -3.29 -9.52
C PHE A 207 23.46 -4.03 -10.15
N VAL A 208 24.35 -3.27 -10.79
CA VAL A 208 25.49 -3.82 -11.50
C VAL A 208 26.75 -3.34 -10.79
N PRO A 209 27.47 -4.21 -10.06
CA PRO A 209 28.72 -3.79 -9.42
C PRO A 209 29.89 -3.95 -10.36
N LYS A 210 31.10 -3.54 -9.96
CA LYS A 210 32.25 -3.72 -10.84
C LYS A 210 32.60 -5.19 -11.02
N LEU A 211 32.19 -6.04 -10.09
CA LEU A 211 32.45 -7.47 -10.21
C LEU A 211 31.83 -8.05 -11.48
N GLU A 212 30.78 -7.43 -12.01
CA GLU A 212 30.18 -7.91 -13.24
C GLU A 212 31.17 -7.87 -14.40
N ALA A 213 32.07 -6.87 -14.42
CA ALA A 213 33.07 -6.82 -15.48
C ALA A 213 33.93 -8.07 -15.47
N LYS A 214 34.17 -8.64 -14.30
CA LYS A 214 35.00 -9.83 -14.15
C LYS A 214 34.20 -11.11 -14.37
N VAL A 215 32.98 -11.17 -13.86
CA VAL A 215 32.21 -12.40 -13.78
C VAL A 215 31.23 -12.53 -14.94
N GLY A 216 30.54 -11.46 -15.30
CA GLY A 216 29.62 -11.51 -16.43
C GLY A 216 28.34 -12.29 -16.19
N LEU A 217 27.88 -12.38 -14.94
CA LEU A 217 26.68 -13.15 -14.66
C LEU A 217 25.42 -12.46 -15.21
N ILE A 218 25.33 -11.14 -15.04
CA ILE A 218 24.17 -10.41 -15.54
C ILE A 218 24.10 -10.47 -17.05
N ASN A 219 25.23 -10.25 -17.73
CA ASN A 219 25.31 -10.38 -19.18
C ASN A 219 24.77 -11.72 -19.64
N TRP A 220 25.11 -12.79 -18.92
CA TRP A 220 24.62 -14.12 -19.27
C TRP A 220 23.14 -14.26 -18.93
N LEU A 221 22.70 -13.71 -17.80
CA LEU A 221 21.30 -13.85 -17.42
C LEU A 221 20.36 -13.25 -18.45
N ILE A 222 20.77 -12.16 -19.13
CA ILE A 222 19.89 -11.49 -20.08
C ILE A 222 20.18 -11.86 -21.52
N GLN A 223 21.10 -12.78 -21.78
CA GLN A 223 21.57 -13.01 -23.13
C GLN A 223 20.44 -13.51 -24.03
N ASP A 224 20.53 -13.09 -25.29
CA ASP A 224 19.59 -13.50 -26.34
C ASP A 224 20.32 -13.36 -27.66
N PRO A 225 21.11 -14.37 -28.04
CA PRO A 225 21.99 -14.24 -29.21
C PRO A 225 21.24 -13.84 -30.46
N GLY A 226 21.75 -12.80 -31.13
CA GLY A 226 21.15 -12.31 -32.35
C GLY A 226 20.09 -11.24 -32.16
N ASN A 227 19.75 -10.90 -30.92
CA ASN A 227 18.73 -9.89 -30.64
C ASN A 227 19.40 -8.55 -30.43
N PRO A 228 19.24 -7.58 -31.34
CA PRO A 228 19.99 -6.33 -31.21
C PRO A 228 19.55 -5.49 -30.04
N ALA A 229 18.29 -5.55 -29.64
CA ALA A 229 17.84 -4.83 -28.47
C ALA A 229 18.51 -5.36 -27.20
N VAL A 230 18.70 -6.67 -27.11
CA VAL A 230 19.42 -7.23 -25.98
C VAL A 230 20.90 -6.87 -26.05
N ALA A 231 21.49 -6.93 -27.25
CA ALA A 231 22.88 -6.49 -27.42
C ALA A 231 23.07 -5.10 -26.85
N ALA A 232 22.13 -4.19 -27.14
CA ALA A 232 22.19 -2.84 -26.57
C ALA A 232 22.15 -2.88 -25.04
N GLU A 233 21.31 -3.74 -24.48
CA GLU A 233 21.22 -3.86 -23.02
C GLU A 233 22.52 -4.37 -22.42
N GLN A 234 23.08 -5.41 -23.02
CA GLN A 234 24.37 -5.92 -22.54
C GLN A 234 25.45 -4.86 -22.62
N GLU A 235 25.45 -4.04 -23.68
CA GLU A 235 26.42 -2.96 -23.77
C GLU A 235 26.20 -1.94 -22.65
N PHE A 236 24.94 -1.72 -22.27
CA PHE A 236 24.65 -0.85 -21.13
C PHE A 236 25.17 -1.46 -19.83
N VAL A 237 25.01 -2.77 -19.65
CA VAL A 237 25.49 -3.41 -18.42
C VAL A 237 27.01 -3.34 -18.36
N ARG A 238 27.68 -3.58 -19.49
CA ARG A 238 29.17 -3.56 -19.55
C ARG A 238 29.64 -2.15 -19.20
N ARG A 239 28.99 -1.14 -19.77
CA ARG A 239 29.34 0.27 -19.50
C ARG A 239 29.20 0.51 -17.99
N LEU A 240 28.05 0.18 -17.42
CA LEU A 240 27.79 0.45 -15.98
C LEU A 240 28.86 -0.25 -15.15
N ALA A 241 29.14 -1.52 -15.40
CA ALA A 241 30.07 -2.24 -14.54
C ALA A 241 31.33 -1.45 -14.31
N GLY A 242 31.88 -0.83 -15.37
CA GLY A 242 33.16 -0.16 -15.29
C GLY A 242 33.15 1.27 -14.80
N LEU A 243 31.97 1.90 -14.75
CA LEU A 243 31.89 3.29 -14.32
C LEU A 243 32.16 3.40 -12.82
N GLU A 244 32.61 4.58 -12.40
CA GLU A 244 32.81 4.83 -10.98
C GLU A 244 31.47 4.80 -10.25
N PRO A 245 31.49 4.60 -8.93
CA PRO A 245 30.22 4.35 -8.21
C PRO A 245 29.12 5.39 -8.45
N ALA A 246 29.44 6.68 -8.37
CA ALA A 246 28.40 7.69 -8.54
C ALA A 246 27.94 7.77 -9.97
N ASP A 247 28.82 7.44 -10.92
CA ASP A 247 28.45 7.47 -12.33
C ASP A 247 27.44 6.38 -12.63
N LYS A 248 27.67 5.16 -12.12
CA LYS A 248 26.74 4.07 -12.40
C LYS A 248 25.41 4.28 -11.69
N ARG A 249 25.43 4.94 -10.53
CA ARG A 249 24.18 5.30 -9.87
C ARG A 249 23.37 6.28 -10.73
N LYS A 250 24.04 7.33 -11.23
CA LYS A 250 23.35 8.30 -12.06
C LYS A 250 22.73 7.62 -13.27
N LEU A 251 23.50 6.77 -13.96
CA LEU A 251 22.97 6.12 -15.17
C LEU A 251 21.80 5.20 -14.85
N MET A 252 21.88 4.47 -13.73
CA MET A 252 20.79 3.55 -13.42
C MET A 252 19.54 4.32 -13.04
N VAL A 253 19.70 5.41 -12.29
CA VAL A 253 18.57 6.24 -11.92
C VAL A 253 17.96 6.89 -13.16
N ASP A 254 18.80 7.33 -14.10
N ASP A 254 18.81 7.33 -14.10
CA ASP A 254 18.27 7.88 -15.35
CA ASP A 254 18.27 7.88 -15.35
C ASP A 254 17.45 6.85 -16.10
C ASP A 254 17.44 6.84 -16.09
N LEU A 255 17.91 5.58 -16.12
CA LEU A 255 17.15 4.53 -16.78
C LEU A 255 15.82 4.33 -16.06
N TYR A 256 15.88 4.22 -14.74
CA TYR A 256 14.66 4.12 -13.93
C TYR A 256 13.67 5.20 -14.30
N LYS A 257 14.13 6.45 -14.35
CA LYS A 257 13.22 7.54 -14.64
C LYS A 257 12.65 7.41 -16.05
N ARG A 258 13.43 6.89 -16.98
CA ARG A 258 12.96 6.76 -18.35
C ARG A 258 11.87 5.70 -18.45
N VAL A 259 12.03 4.62 -17.68
CA VAL A 259 11.05 3.53 -17.67
C VAL A 259 9.76 3.98 -16.97
N ILE A 260 9.89 4.57 -15.79
CA ILE A 260 8.70 4.94 -15.02
C ILE A 260 7.89 5.97 -15.79
N ASP A 261 8.56 7.03 -16.27
CA ASP A 261 7.87 8.02 -17.09
C ASP A 261 7.25 7.38 -18.33
N GLY A 262 7.97 6.48 -18.97
CA GLY A 262 7.50 5.93 -20.23
C GLY A 262 6.28 5.04 -20.10
N VAL A 263 6.11 4.37 -18.96
CA VAL A 263 4.99 3.46 -18.75
C VAL A 263 3.91 4.05 -17.84
N ALA A 264 4.10 5.24 -17.29
CA ALA A 264 3.25 5.69 -16.19
C ALA A 264 1.82 5.98 -16.64
N ASP A 265 1.59 6.29 -17.92
CA ASP A 265 0.27 6.68 -18.39
C ASP A 265 -0.38 5.58 -19.22
N LEU A 266 0.11 4.34 -19.12
CA LEU A 266 -0.35 3.25 -19.96
C LEU A 266 -1.48 2.45 -19.35
N GLY A 267 -1.69 2.55 -18.04
CA GLY A 267 -2.83 1.93 -17.39
C GLY A 267 -2.55 0.61 -16.71
N PHE A 268 -1.29 0.19 -16.60
CA PHE A 268 -0.91 -1.00 -15.85
C PHE A 268 -0.56 -0.61 -14.41
N PRO A 269 -1.12 -1.28 -13.40
CA PRO A 269 -0.57 -1.10 -12.05
C PRO A 269 0.91 -1.46 -12.03
N LEU A 270 1.67 -0.75 -11.19
CA LEU A 270 3.11 -0.90 -11.19
C LEU A 270 3.64 -1.24 -9.80
N SER A 271 4.52 -2.23 -9.74
CA SER A 271 5.37 -2.49 -8.59
C SER A 271 6.83 -2.46 -9.03
N VAL A 272 7.72 -2.46 -8.04
CA VAL A 272 9.16 -2.39 -8.28
C VAL A 272 9.81 -3.61 -7.66
N HIS A 273 10.62 -4.31 -8.46
CA HIS A 273 11.36 -5.50 -8.05
C HIS A 273 12.84 -5.17 -8.08
N LEU A 274 13.46 -5.10 -6.91
CA LEU A 274 14.86 -4.75 -6.77
C LEU A 274 15.70 -6.01 -6.69
N GLU A 275 16.80 -6.04 -7.43
CA GLU A 275 17.69 -7.19 -7.47
CA GLU A 275 17.69 -7.19 -7.50
C GLU A 275 19.14 -6.75 -7.33
N ALA A 276 19.91 -7.54 -6.59
CA ALA A 276 21.35 -7.35 -6.44
C ALA A 276 21.93 -8.74 -6.72
N THR A 277 22.18 -9.03 -8.00
CA THR A 277 22.54 -10.39 -8.41
C THR A 277 23.75 -10.91 -7.62
N TYR A 278 24.71 -10.04 -7.37
CA TYR A 278 25.94 -10.43 -6.68
C TYR A 278 25.82 -10.35 -5.18
N GLY A 279 24.65 -9.95 -4.65
CA GLY A 279 24.47 -9.87 -3.21
C GLY A 279 24.11 -8.48 -2.75
N VAL A 280 23.27 -8.41 -1.70
CA VAL A 280 22.85 -7.12 -1.18
C VAL A 280 24.05 -6.39 -0.63
N SER A 281 24.07 -5.07 -0.80
CA SER A 281 25.17 -4.25 -0.37
C SER A 281 24.66 -2.84 -0.16
N VAL A 282 25.43 -2.04 0.58
CA VAL A 282 25.07 -0.64 0.75
C VAL A 282 25.10 0.08 -0.59
N PRO A 283 26.12 -0.09 -1.44
CA PRO A 283 26.07 0.58 -2.76
C PRO A 283 24.84 0.22 -3.58
N ALA A 284 24.44 -1.05 -3.62
CA ALA A 284 23.19 -1.39 -4.30
C ALA A 284 22.03 -0.57 -3.74
N PHE A 285 21.88 -0.56 -2.42
CA PHE A 285 20.79 0.15 -1.80
C PHE A 285 20.91 1.66 -1.97
N GLU A 286 22.14 2.19 -2.06
CA GLU A 286 22.26 3.61 -2.39
C GLU A 286 21.61 3.92 -3.72
N THR A 287 21.77 3.03 -4.69
CA THR A 287 21.13 3.22 -5.99
C THR A 287 19.63 3.02 -5.88
N PHE A 288 19.19 1.96 -5.19
CA PHE A 288 17.76 1.75 -5.02
C PHE A 288 17.10 2.95 -4.37
N ALA A 289 17.75 3.51 -3.36
CA ALA A 289 17.15 4.60 -2.60
C ALA A 289 16.92 5.82 -3.50
N GLU A 290 17.85 6.12 -4.39
CA GLU A 290 17.66 7.29 -5.25
C GLU A 290 16.57 7.02 -6.29
N MET A 291 16.50 5.78 -6.78
CA MET A 291 15.38 5.38 -7.65
C MET A 291 14.06 5.58 -6.95
N LEU A 292 13.90 4.96 -5.77
CA LEU A 292 12.62 5.03 -5.07
C LEU A 292 12.29 6.44 -4.63
N ALA A 293 13.31 7.28 -4.43
CA ALA A 293 13.03 8.68 -4.14
C ALA A 293 12.37 9.37 -5.32
N TYR A 294 12.69 8.96 -6.56
CA TYR A 294 12.03 9.54 -7.71
C TYR A 294 10.58 9.07 -7.79
N TRP A 295 10.37 7.76 -7.81
CA TRP A 295 9.02 7.22 -7.80
C TRP A 295 8.99 5.92 -7.02
N SER A 296 7.96 5.74 -6.23
CA SER A 296 7.71 4.51 -5.50
C SER A 296 6.23 4.20 -5.57
N PRO A 297 5.87 2.91 -5.63
CA PRO A 297 4.45 2.52 -5.75
C PRO A 297 3.54 3.07 -4.66
N THR B 2 -0.69 9.50 -2.62
CA THR B 2 -1.91 8.74 -2.36
C THR B 2 -1.65 7.82 -1.17
N LEU B 3 -2.68 7.64 -0.34
CA LEU B 3 -2.58 6.85 0.88
C LEU B 3 -2.88 5.38 0.63
N ASN B 4 -3.95 5.10 -0.11
CA ASN B 4 -4.42 3.75 -0.39
C ASN B 4 -4.35 2.91 0.88
N THR B 5 -5.13 3.33 1.88
CA THR B 5 -4.93 2.86 3.24
C THR B 5 -6.26 2.55 3.92
N ILE B 6 -6.16 1.76 4.99
CA ILE B 6 -7.22 1.60 5.97
C ILE B 6 -6.84 2.45 7.18
N ALA B 7 -7.63 3.46 7.49
CA ALA B 7 -7.39 4.35 8.62
C ALA B 7 -8.47 4.17 9.66
N LEU B 8 -8.06 4.12 10.93
CA LEU B 8 -8.99 4.04 12.05
C LEU B 8 -8.95 5.35 12.82
N GLN B 9 -10.12 6.00 12.92
CA GLN B 9 -10.22 7.18 13.76
C GLN B 9 -9.92 6.82 15.21
N LEU B 10 -9.08 7.64 15.84
CA LEU B 10 -8.75 7.45 17.26
C LEU B 10 -8.75 8.83 17.89
N VAL B 11 -9.70 9.05 18.79
CA VAL B 11 -9.92 10.36 19.41
C VAL B 11 -8.97 10.49 20.60
N PRO B 12 -8.29 11.63 20.76
CA PRO B 12 -7.35 11.76 21.88
C PRO B 12 -8.08 11.62 23.20
N PRO B 13 -7.42 11.05 24.20
CA PRO B 13 -8.05 10.93 25.52
C PRO B 13 -8.14 12.28 26.23
N ASN B 14 -9.02 12.33 27.23
CA ASN B 14 -9.07 13.49 28.11
C ASN B 14 -7.71 13.67 28.78
N SER B 15 -7.25 14.92 28.84
CA SER B 15 -5.95 15.27 29.38
C SER B 15 -6.05 15.92 30.75
N ASP B 16 -7.19 15.78 31.41
CA ASP B 16 -7.39 16.30 32.76
C ASP B 16 -7.11 15.15 33.72
N GLY B 17 -5.92 15.14 34.28
CA GLY B 17 -5.51 14.08 35.16
C GLY B 17 -4.02 14.12 35.38
N PRO B 18 -3.55 13.47 36.44
CA PRO B 18 -2.11 13.55 36.75
C PRO B 18 -1.24 13.10 35.59
N ASP B 19 -1.67 12.09 34.84
CA ASP B 19 -0.89 11.58 33.71
C ASP B 19 -1.21 12.28 32.40
N GLY B 20 -2.17 13.20 32.40
CA GLY B 20 -2.53 13.90 31.19
C GLY B 20 -3.14 13.04 30.11
N GLY B 21 -3.69 11.89 30.49
CA GLY B 21 -4.31 10.99 29.54
C GLY B 21 -3.38 9.97 28.93
N ARG B 22 -2.12 9.92 29.40
CA ARG B 22 -1.16 9.02 28.81
C ARG B 22 -1.51 7.57 29.11
N GLU B 23 -1.89 7.26 30.34
CA GLU B 23 -2.30 5.89 30.66
C GLU B 23 -3.48 5.48 29.79
N GLN B 24 -4.48 6.36 29.64
CA GLN B 24 -5.62 6.04 28.80
C GLN B 24 -5.18 5.87 27.34
N ALA B 25 -4.20 6.66 26.89
CA ALA B 25 -3.77 6.56 25.51
C ALA B 25 -3.15 5.20 25.21
N VAL B 26 -2.31 4.70 26.12
CA VAL B 26 -1.72 3.37 25.92
C VAL B 26 -2.81 2.30 25.92
N GLU B 27 -3.73 2.37 26.89
CA GLU B 27 -4.82 1.40 26.94
C GLU B 27 -5.67 1.45 25.66
N ASP B 28 -5.93 2.64 25.13
CA ASP B 28 -6.70 2.74 23.90
C ASP B 28 -5.96 2.11 22.73
N ALA B 29 -4.64 2.34 22.64
CA ALA B 29 -3.86 1.70 21.59
C ALA B 29 -3.90 0.18 21.73
N ARG B 30 -3.75 -0.32 22.95
CA ARG B 30 -3.75 -1.76 23.16
C ARG B 30 -5.13 -2.36 22.89
N LYS B 31 -6.20 -1.62 23.18
CA LYS B 31 -7.53 -2.10 22.80
C LYS B 31 -7.64 -2.24 21.29
N VAL B 32 -7.05 -1.31 20.53
CA VAL B 32 -7.11 -1.40 19.07
C VAL B 32 -6.46 -2.69 18.58
N LEU B 33 -5.23 -2.97 19.05
CA LEU B 33 -4.54 -4.18 18.63
C LEU B 33 -5.33 -5.43 19.00
N ARG B 34 -5.91 -5.45 20.21
CA ARG B 34 -6.68 -6.61 20.63
CA ARG B 34 -6.69 -6.61 20.64
C ARG B 34 -7.93 -6.80 19.77
N CYS B 35 -8.66 -5.71 19.52
CA CYS B 35 -9.87 -5.83 18.71
C CYS B 35 -9.55 -6.24 17.28
N ALA B 36 -8.45 -5.73 16.73
CA ALA B 36 -8.07 -6.16 15.39
C ALA B 36 -7.72 -7.65 15.37
N ALA B 37 -6.94 -8.10 16.35
CA ALA B 37 -6.53 -9.49 16.40
C ALA B 37 -7.73 -10.42 16.55
N GLU B 38 -8.69 -10.05 17.40
CA GLU B 38 -9.85 -10.91 17.64
C GLU B 38 -10.75 -11.05 16.42
N THR B 39 -10.68 -10.11 15.47
CA THR B 39 -11.62 -10.08 14.35
C THR B 39 -10.97 -10.37 13.01
N GLY B 40 -9.70 -10.76 13.00
CA GLY B 40 -9.02 -11.10 11.76
C GLY B 40 -8.40 -9.92 11.04
N LEU B 41 -8.18 -8.80 11.72
CA LEU B 41 -7.64 -7.59 11.12
C LEU B 41 -6.24 -7.26 11.61
N ALA B 42 -5.58 -8.20 12.29
CA ALA B 42 -4.21 -7.95 12.73
C ALA B 42 -3.34 -7.54 11.56
N GLY B 43 -2.70 -6.39 11.70
CA GLY B 43 -1.78 -5.89 10.70
C GLY B 43 -2.41 -5.24 9.49
N ARG B 44 -3.73 -5.08 9.48
CA ARG B 44 -4.40 -4.53 8.30
C ARG B 44 -4.54 -3.02 8.34
N ILE B 45 -4.61 -2.43 9.53
CA ILE B 45 -4.77 -0.98 9.65
C ILE B 45 -3.44 -0.31 9.34
N GLY B 46 -3.46 0.63 8.40
CA GLY B 46 -2.24 1.32 8.00
C GLY B 46 -2.02 2.65 8.68
N HIS B 47 -3.10 3.32 9.05
CA HIS B 47 -3.03 4.65 9.64
C HIS B 47 -4.03 4.78 10.77
N VAL B 48 -3.72 5.63 11.74
CA VAL B 48 -4.71 6.15 12.68
C VAL B 48 -5.02 7.58 12.29
N MET B 49 -6.31 7.91 12.25
CA MET B 49 -6.76 9.26 11.91
C MET B 49 -7.10 9.96 13.21
N ILE B 50 -6.28 10.92 13.62
CA ILE B 50 -6.43 11.57 14.92
C ILE B 50 -7.04 12.94 14.69
N PRO B 51 -8.27 13.20 15.17
CA PRO B 51 -8.88 14.51 14.92
C PRO B 51 -8.27 15.56 15.83
N GLY B 52 -7.90 16.69 15.24
CA GLY B 52 -7.39 17.83 15.95
C GLY B 52 -8.44 18.84 16.32
N MET B 53 -9.71 18.47 16.13
CA MET B 53 -10.84 19.33 16.43
C MET B 53 -12.04 18.45 16.70
N ILE B 54 -12.70 18.66 17.84
CA ILE B 54 -13.91 17.92 18.20
C ILE B 54 -15.00 18.95 18.40
N GLU B 55 -16.06 18.85 17.62
CA GLU B 55 -17.17 19.78 17.74
C GLU B 55 -17.95 19.46 19.00
N GLU B 56 -18.27 20.49 19.79
CA GLU B 56 -19.01 20.31 21.03
C GLU B 56 -20.48 20.62 20.77
N ASP B 57 -21.34 19.76 21.28
CA ASP B 57 -22.77 20.02 21.20
C ASP B 57 -23.15 20.94 22.33
N PRO B 58 -23.66 22.14 22.04
CA PRO B 58 -23.95 23.10 23.13
C PRO B 58 -25.01 22.62 24.09
N ASP B 59 -25.86 21.68 23.68
CA ASP B 59 -27.00 21.27 24.49
C ASP B 59 -26.71 20.07 25.40
N ARG B 60 -25.49 19.54 25.37
CA ARG B 60 -25.16 18.45 26.29
C ARG B 60 -24.88 19.02 27.68
N PRO B 61 -25.47 18.45 28.73
CA PRO B 61 -25.27 19.01 30.08
C PRO B 61 -23.86 18.86 30.60
N ILE B 62 -23.14 17.80 30.22
CA ILE B 62 -21.80 17.55 30.71
C ILE B 62 -20.81 18.16 29.73
N PRO B 63 -19.93 19.06 30.17
CA PRO B 63 -18.97 19.66 29.23
C PRO B 63 -17.91 18.66 28.80
N MET B 64 -17.35 18.90 27.63
CA MET B 64 -16.18 18.14 27.19
C MET B 64 -14.99 18.51 28.05
N LYS B 65 -14.17 17.52 28.36
CA LYS B 65 -12.93 17.76 29.07
C LYS B 65 -11.83 18.19 28.10
N PRO B 66 -10.77 18.81 28.60
CA PRO B 66 -9.59 19.05 27.74
C PRO B 66 -9.10 17.74 27.16
N LYS B 67 -8.50 17.81 25.98
CA LYS B 67 -8.07 16.62 25.26
C LYS B 67 -6.61 16.72 24.88
N MET B 68 -5.97 15.56 24.75
CA MET B 68 -4.54 15.52 24.42
C MET B 68 -4.29 16.18 23.06
N ASP B 69 -3.18 16.88 22.96
CA ASP B 69 -2.72 17.37 21.67
C ASP B 69 -2.48 16.18 20.75
N VAL B 70 -2.85 16.34 19.48
CA VAL B 70 -2.64 15.32 18.46
C VAL B 70 -1.23 14.73 18.57
N LEU B 71 -0.23 15.59 18.57
CA LEU B 71 1.15 15.09 18.52
C LEU B 71 1.56 14.42 19.82
N ASP B 72 1.14 14.97 20.96
CA ASP B 72 1.39 14.30 22.24
C ASP B 72 0.74 12.92 22.26
N PHE B 73 -0.50 12.81 21.79
CA PHE B 73 -1.19 11.53 21.74
C PHE B 73 -0.45 10.54 20.86
N TRP B 74 -0.11 10.95 19.62
CA TRP B 74 0.66 10.09 18.72
C TRP B 74 1.96 9.62 19.37
N THR B 75 2.66 10.54 20.04
CA THR B 75 3.94 10.18 20.65
C THR B 75 3.78 9.03 21.63
N ILE B 76 2.65 9.00 22.35
CA ILE B 76 2.41 7.95 23.34
C ILE B 76 2.11 6.63 22.64
N ILE B 77 1.24 6.65 21.62
CA ILE B 77 0.74 5.39 21.05
C ILE B 77 1.58 4.84 19.92
N ARG B 78 2.44 5.64 19.31
CA ARG B 78 3.27 5.16 18.20
C ARG B 78 4.10 3.93 18.58
N PRO B 79 4.69 3.84 19.78
CA PRO B 79 5.44 2.62 20.11
C PRO B 79 4.54 1.40 20.31
N GLU B 80 3.29 1.63 20.69
CA GLU B 80 2.32 0.55 20.88
C GLU B 80 1.74 0.02 19.58
N LEU B 81 1.88 0.76 18.47
CA LEU B 81 1.26 0.44 17.19
C LEU B 81 2.32 0.33 16.11
N PRO B 82 3.26 -0.60 16.24
CA PRO B 82 4.36 -0.67 15.27
C PRO B 82 3.83 -0.78 13.85
N GLY B 83 4.40 0.01 12.96
CA GLY B 83 4.08 -0.07 11.56
C GLY B 83 2.88 0.74 11.12
N ILE B 84 2.16 1.35 12.07
CA ILE B 84 1.03 2.22 11.76
C ILE B 84 1.55 3.64 11.65
N ARG B 85 1.01 4.39 10.71
CA ARG B 85 1.41 5.77 10.44
C ARG B 85 0.27 6.70 10.83
N GLY B 86 0.50 8.01 10.65
CA GLY B 86 -0.40 9.03 11.16
C GLY B 86 -1.15 9.77 10.07
N LEU B 87 -2.44 10.01 10.33
CA LEU B 87 -3.24 11.01 9.63
C LEU B 87 -3.86 11.88 10.71
N CYS B 88 -4.24 13.11 10.35
CA CYS B 88 -4.88 13.96 11.36
C CYS B 88 -5.71 15.05 10.69
N THR B 89 -6.48 15.75 11.52
CA THR B 89 -7.04 17.05 11.18
C THR B 89 -6.33 18.11 12.02
N GLN B 90 -6.28 19.31 11.48
CA GLN B 90 -5.49 20.38 12.11
C GLN B 90 -6.21 21.69 11.91
N VAL B 91 -6.47 22.38 13.02
CA VAL B 91 -7.01 23.73 12.98
C VAL B 91 -5.91 24.69 12.55
N THR B 92 -6.21 25.54 11.57
CA THR B 92 -5.23 26.50 11.06
C THR B 92 -5.48 27.92 11.52
N ALA B 93 -6.57 28.17 12.27
CA ALA B 93 -6.93 29.53 12.66
C ALA B 93 -5.91 30.19 13.58
N PHE B 94 -5.12 29.42 14.31
CA PHE B 94 -4.12 29.99 15.22
C PHE B 94 -2.70 29.66 14.81
N LEU B 95 -2.49 29.37 13.53
CA LEU B 95 -1.16 29.07 12.99
C LEU B 95 -0.88 30.07 11.88
N ASP B 96 -0.06 31.07 12.16
CA ASP B 96 0.34 31.97 11.10
C ASP B 96 1.19 31.19 10.09
N GLU B 97 1.62 31.90 9.06
CA GLU B 97 2.31 31.26 7.95
C GLU B 97 3.58 30.58 8.43
N PRO B 98 4.50 31.26 9.12
CA PRO B 98 5.65 30.54 9.71
C PRO B 98 5.29 29.43 10.68
N ALA B 99 4.29 29.63 11.54
CA ALA B 99 3.97 28.61 12.53
C ALA B 99 3.40 27.35 11.87
N LEU B 100 2.69 27.52 10.75
CA LEU B 100 2.16 26.35 10.05
C LEU B 100 3.28 25.48 9.52
N ARG B 101 4.36 26.10 9.02
CA ARG B 101 5.52 25.34 8.58
C ARG B 101 6.12 24.56 9.75
N ARG B 102 6.21 25.18 10.93
CA ARG B 102 6.78 24.50 12.10
C ARG B 102 5.94 23.29 12.48
N ARG B 103 4.62 23.45 12.53
CA ARG B 103 3.73 22.33 12.82
C ARG B 103 3.89 21.23 11.78
N LEU B 104 3.88 21.59 10.51
CA LEU B 104 3.96 20.58 9.45
C LEU B 104 5.29 19.84 9.51
N GLY B 105 6.36 20.54 9.81
CA GLY B 105 7.64 19.87 10.00
C GLY B 105 7.58 18.90 11.17
N ASP B 106 6.93 19.30 12.27
CA ASP B 106 6.82 18.42 13.43
C ASP B 106 6.03 17.17 13.08
N LEU B 107 4.86 17.34 12.44
CA LEU B 107 4.02 16.21 12.10
C LEU B 107 4.71 15.28 11.10
N SER B 108 5.35 15.85 10.08
CA SER B 108 6.07 15.03 9.11
C SER B 108 7.18 14.23 9.77
N ALA B 109 7.96 14.87 10.65
CA ALA B 109 9.05 14.16 11.30
C ALA B 109 8.54 13.03 12.19
N ALA B 110 7.33 13.19 12.72
CA ALA B 110 6.75 12.23 13.66
C ALA B 110 6.07 11.05 12.96
N GLY B 111 5.90 11.11 11.65
CA GLY B 111 5.37 10.01 10.89
C GLY B 111 3.98 10.22 10.36
N PHE B 112 3.53 11.46 10.25
CA PHE B 112 2.22 11.75 9.68
C PHE B 112 2.35 11.84 8.17
N ASP B 113 1.39 11.21 7.48
CA ASP B 113 1.38 11.15 6.02
C ASP B 113 0.33 12.04 5.40
N GLY B 114 -0.72 12.36 6.14
CA GLY B 114 -1.79 13.18 5.61
C GLY B 114 -2.32 14.07 6.70
N ILE B 115 -2.75 15.26 6.31
CA ILE B 115 -3.31 16.24 7.22
C ILE B 115 -4.48 16.94 6.52
N ALA B 116 -5.63 16.99 7.19
CA ALA B 116 -6.80 17.70 6.70
C ALA B 116 -7.00 18.94 7.55
N PHE B 117 -7.01 20.10 6.90
CA PHE B 117 -7.14 21.38 7.60
C PHE B 117 -8.61 21.69 7.85
N VAL B 118 -8.94 22.12 9.07
CA VAL B 118 -10.32 22.31 9.46
C VAL B 118 -10.47 23.60 10.26
N GLY B 119 -11.74 24.04 10.41
CA GLY B 119 -12.05 25.24 11.13
C GLY B 119 -12.22 24.99 12.62
N VAL B 120 -12.59 26.06 13.33
CA VAL B 120 -12.75 25.99 14.78
C VAL B 120 -14.19 25.61 15.13
N PRO B 121 -14.43 24.90 16.23
CA PRO B 121 -15.81 24.68 16.68
C PRO B 121 -16.67 25.92 16.75
N ARG B 122 -17.99 25.71 16.66
CA ARG B 122 -18.94 26.81 16.83
C ARG B 122 -18.84 27.45 18.21
N THR B 123 -18.34 26.72 19.21
CA THR B 123 -18.25 27.20 20.60
C THR B 123 -16.94 27.94 20.81
N MET B 124 -16.11 28.03 19.79
CA MET B 124 -14.78 28.68 19.88
C MET B 124 -14.68 29.93 19.00
N ASN B 125 -13.62 30.71 19.16
CA ASN B 125 -13.42 31.99 18.43
C ASN B 125 -12.50 31.82 17.22
N ASP B 126 -12.89 32.35 16.07
CA ASP B 126 -12.05 32.34 14.87
C ASP B 126 -10.88 33.29 15.05
N GLY B 129 -6.56 34.69 16.43
CA GLY B 129 -7.17 34.41 15.11
C GLY B 129 -6.33 35.01 14.00
N HIS B 130 -5.02 34.75 13.97
CA HIS B 130 -4.10 35.34 12.96
C HIS B 130 -3.62 34.26 11.99
N GLY B 131 -4.33 33.14 11.90
CA GLY B 131 -3.85 31.99 11.12
C GLY B 131 -4.32 31.93 9.69
N VAL B 132 -3.91 30.89 9.00
CA VAL B 132 -4.24 30.68 7.57
C VAL B 132 -5.61 30.00 7.48
N ALA B 133 -6.44 30.41 6.54
CA ALA B 133 -7.69 29.70 6.26
C ALA B 133 -7.38 28.27 5.88
N PRO B 134 -8.19 27.30 6.33
CA PRO B 134 -7.91 25.90 5.98
C PRO B 134 -7.66 25.66 4.50
N THR B 135 -8.44 26.29 3.63
CA THR B 135 -8.30 26.02 2.20
C THR B 135 -7.06 26.67 1.62
N ASP B 136 -6.59 27.76 2.23
CA ASP B 136 -5.34 28.37 1.80
C ASP B 136 -4.14 27.54 2.23
N ALA B 137 -4.25 26.83 3.35
CA ALA B 137 -3.15 26.00 3.82
C ALA B 137 -2.89 24.80 2.93
N LEU B 138 -3.88 24.38 2.14
CA LEU B 138 -3.76 23.15 1.37
C LEU B 138 -2.48 23.11 0.53
N SER B 139 -2.11 24.24 -0.06
CA SER B 139 -1.02 24.30 -1.01
C SER B 139 0.30 24.75 -0.41
N MET B 140 0.39 24.87 0.92
CA MET B 140 1.57 25.42 1.57
C MET B 140 2.52 24.32 2.02
N PHE B 141 3.80 24.48 1.71
CA PHE B 141 4.86 23.54 2.09
C PHE B 141 4.48 22.11 1.71
N ALA B 142 3.99 21.97 0.47
CA ALA B 142 3.39 20.73 0.00
C ALA B 142 4.30 19.51 0.11
N ASP B 143 5.60 19.72 0.35
CA ASP B 143 6.51 18.60 0.56
C ASP B 143 6.38 17.99 1.95
N LEU B 144 5.80 18.73 2.90
CA LEU B 144 5.61 18.25 4.26
C LEU B 144 4.20 17.69 4.39
N VAL B 145 4.10 16.46 4.90
CA VAL B 145 2.81 15.79 5.07
C VAL B 145 2.08 15.94 3.74
N PRO B 146 2.55 15.25 2.69
CA PRO B 146 2.19 15.64 1.33
C PRO B 146 0.75 15.37 0.95
N ASN B 147 0.04 14.53 1.69
CA ASN B 147 -1.38 14.32 1.46
C ASN B 147 -2.14 15.39 2.22
N ARG B 148 -2.86 16.24 1.48
CA ARG B 148 -3.55 17.40 2.04
C ARG B 148 -5.04 17.21 1.83
N GLY B 149 -5.79 17.21 2.92
CA GLY B 149 -7.18 16.78 2.92
C GLY B 149 -8.16 17.93 3.08
N ALA B 150 -9.27 17.83 2.35
CA ALA B 150 -10.46 18.64 2.57
C ALA B 150 -11.55 17.74 3.12
N ILE B 151 -12.50 18.33 3.83
CA ILE B 151 -13.67 17.62 4.35
C ILE B 151 -14.74 17.62 3.27
N LEU B 152 -15.33 16.45 3.02
CA LEU B 152 -16.31 16.27 1.95
C LEU B 152 -17.61 15.76 2.56
N ILE B 153 -18.69 16.53 2.39
CA ILE B 153 -20.01 16.15 2.90
C ILE B 153 -20.93 16.10 1.68
N PRO B 154 -21.12 14.93 1.09
CA PRO B 154 -21.74 14.87 -0.24
C PRO B 154 -23.20 15.30 -0.28
N THR B 155 -23.87 15.38 0.86
CA THR B 155 -25.25 15.79 0.98
C THR B 155 -25.42 17.30 1.14
N ARG B 156 -24.34 18.02 1.45
CA ARG B 156 -24.44 19.43 1.77
C ARG B 156 -24.75 20.25 0.52
N ASP B 157 -25.63 21.24 0.69
N ASP B 157 -25.63 21.24 0.69
CA ASP B 157 -25.99 22.09 -0.43
CA ASP B 157 -26.00 22.10 -0.43
C ASP B 157 -24.76 22.83 -0.94
C ASP B 157 -24.78 22.85 -0.94
N GLY B 158 -24.56 22.80 -2.26
CA GLY B 158 -23.44 23.47 -2.89
C GLY B 158 -22.12 22.74 -2.80
N GLU B 159 -22.12 21.46 -2.38
CA GLU B 159 -20.85 20.78 -2.15
C GLU B 159 -20.07 20.57 -3.44
N GLN B 160 -20.77 20.51 -4.59
CA GLN B 160 -20.08 20.28 -5.86
C GLN B 160 -19.08 21.41 -6.15
N GLY B 161 -19.53 22.66 -6.02
CA GLY B 161 -18.64 23.79 -6.22
C GLY B 161 -17.70 24.03 -5.07
N ARG B 162 -18.14 23.74 -3.84
CA ARG B 162 -17.27 23.91 -2.67
C ARG B 162 -16.08 22.96 -2.74
N PHE B 163 -16.32 21.70 -3.08
CA PHE B 163 -15.24 20.72 -3.13
C PHE B 163 -14.37 20.91 -4.37
N GLU B 164 -14.97 21.28 -5.51
CA GLU B 164 -14.17 21.58 -6.69
C GLU B 164 -13.15 22.68 -6.40
N PHE B 165 -13.59 23.73 -5.71
CA PHE B 165 -12.69 24.81 -5.35
C PHE B 165 -11.55 24.31 -4.47
N LYS B 166 -11.89 23.55 -3.42
CA LYS B 166 -10.83 23.02 -2.56
C LYS B 166 -9.85 22.16 -3.36
N CYS B 167 -10.34 21.46 -4.37
CA CYS B 167 -9.41 20.73 -5.26
C CYS B 167 -8.55 21.69 -6.07
N GLU B 168 -9.16 22.76 -6.59
CA GLU B 168 -8.39 23.79 -7.29
C GLU B 168 -7.25 24.30 -6.41
N ARG B 169 -7.54 24.50 -5.13
CA ARG B 169 -6.59 25.10 -4.19
C ARG B 169 -5.61 24.09 -3.62
N GLY B 170 -5.70 22.82 -4.02
CA GLY B 170 -4.61 21.89 -3.76
C GLY B 170 -4.94 20.67 -2.93
N ALA B 171 -6.21 20.44 -2.64
CA ALA B 171 -6.59 19.25 -1.90
C ALA B 171 -6.21 18.01 -2.71
N THR B 172 -5.49 17.09 -2.07
CA THR B 172 -5.16 15.81 -2.71
C THR B 172 -6.08 14.69 -2.29
N TYR B 173 -6.78 14.84 -1.16
CA TYR B 173 -7.78 13.85 -0.77
C TYR B 173 -8.96 14.53 -0.11
N GLY B 174 -10.12 13.88 -0.21
CA GLY B 174 -11.30 14.29 0.50
C GLY B 174 -11.66 13.26 1.54
N MET B 175 -11.75 13.68 2.79
CA MET B 175 -12.18 12.81 3.89
C MET B 175 -13.65 13.06 4.11
N THR B 176 -14.47 12.02 3.94
CA THR B 176 -15.90 12.26 3.96
C THR B 176 -16.42 12.32 5.39
N GLN B 177 -17.55 13.00 5.53
CA GLN B 177 -18.39 12.79 6.69
C GLN B 177 -18.84 11.34 6.70
N LEU B 178 -19.19 10.84 7.88
CA LEU B 178 -19.77 9.51 7.98
C LEU B 178 -20.82 9.30 6.89
N LEU B 179 -20.75 8.16 6.22
CA LEU B 179 -21.61 7.84 5.10
C LEU B 179 -22.68 6.84 5.57
N TYR B 180 -23.94 7.27 5.56
CA TYR B 180 -25.05 6.40 5.91
C TYR B 180 -26.06 6.28 4.78
N SER B 181 -25.63 6.59 3.56
CA SER B 181 -26.41 6.39 2.35
C SER B 181 -25.45 6.34 1.17
N ASP B 182 -26.01 6.14 -0.03
CA ASP B 182 -25.21 6.15 -1.25
C ASP B 182 -25.11 7.53 -1.90
N ALA B 183 -25.36 8.60 -1.14
CA ALA B 183 -25.27 9.95 -1.69
C ALA B 183 -23.88 10.25 -2.24
N ILE B 184 -22.84 9.61 -1.69
CA ILE B 184 -21.49 9.81 -2.20
C ILE B 184 -21.35 9.30 -3.62
N VAL B 185 -22.17 8.31 -4.00
CA VAL B 185 -22.09 7.80 -5.36
C VAL B 185 -22.57 8.87 -6.34
N GLY B 186 -23.79 9.36 -6.13
CA GLY B 186 -24.30 10.43 -6.98
C GLY B 186 -23.42 11.66 -6.94
N PHE B 187 -22.93 12.02 -5.75
CA PHE B 187 -22.04 13.19 -5.68
C PHE B 187 -20.84 13.01 -6.60
N LEU B 188 -20.14 11.86 -6.49
CA LEU B 188 -18.91 11.67 -7.21
C LEU B 188 -19.14 11.42 -8.69
N ARG B 189 -20.27 10.80 -9.07
CA ARG B 189 -20.57 10.69 -10.49
C ARG B 189 -20.70 12.07 -11.12
N GLU B 190 -21.38 12.99 -10.43
CA GLU B 190 -21.53 14.34 -10.99
C GLU B 190 -20.21 15.08 -10.95
N PHE B 191 -19.42 14.87 -9.90
CA PHE B 191 -18.11 15.51 -9.80
C PHE B 191 -17.17 15.04 -10.92
N ALA B 192 -17.16 13.74 -11.17
CA ALA B 192 -16.33 13.22 -12.24
C ALA B 192 -16.78 13.73 -13.59
N ARG B 193 -18.09 13.93 -13.75
CA ARG B 193 -18.62 14.46 -15.01
C ARG B 193 -18.21 15.91 -15.21
N ARG B 194 -18.35 16.74 -14.16
CA ARG B 194 -18.16 18.16 -14.31
C ARG B 194 -16.68 18.57 -14.32
N THR B 195 -15.84 17.82 -13.64
CA THR B 195 -14.46 18.26 -13.41
C THR B 195 -13.46 17.17 -13.76
N ASP B 196 -12.20 17.58 -13.92
CA ASP B 196 -11.08 16.67 -14.10
C ASP B 196 -10.45 16.25 -12.79
N HIS B 197 -10.93 16.79 -11.66
CA HIS B 197 -10.27 16.56 -10.38
C HIS B 197 -10.54 15.14 -9.92
N ARG B 198 -9.49 14.41 -9.58
CA ARG B 198 -9.61 13.04 -9.09
C ARG B 198 -8.82 12.88 -7.79
N PRO B 199 -9.17 13.67 -6.77
CA PRO B 199 -8.56 13.46 -5.45
C PRO B 199 -8.85 12.06 -4.94
N GLU B 200 -7.95 11.57 -4.09
CA GLU B 200 -8.25 10.34 -3.36
C GLU B 200 -9.42 10.60 -2.42
N ILE B 201 -10.29 9.60 -2.26
CA ILE B 201 -11.47 9.73 -1.41
C ILE B 201 -11.30 8.80 -0.24
N LEU B 202 -11.29 9.36 0.97
CA LEU B 202 -11.20 8.61 2.22
C LEU B 202 -12.65 8.40 2.68
N LEU B 203 -13.20 7.23 2.38
CA LEU B 203 -14.59 6.92 2.65
C LEU B 203 -14.78 6.55 4.11
N SER B 204 -15.56 7.35 4.84
CA SER B 204 -15.73 7.18 6.28
C SER B 204 -17.00 6.39 6.57
N PHE B 205 -16.84 5.29 7.30
CA PHE B 205 -17.95 4.46 7.74
C PHE B 205 -17.89 4.35 9.25
N GLY B 206 -19.02 4.61 9.92
CA GLY B 206 -19.06 4.61 11.36
C GLY B 206 -19.94 3.53 11.94
N PHE B 207 -19.41 2.75 12.87
CA PHE B 207 -20.20 1.73 13.53
C PHE B 207 -21.24 2.36 14.45
N VAL B 208 -22.47 1.84 14.37
CA VAL B 208 -23.59 2.34 15.17
C VAL B 208 -23.93 1.28 16.20
N PRO B 209 -23.68 1.53 17.50
CA PRO B 209 -24.10 0.57 18.53
C PRO B 209 -25.52 0.84 19.00
N LYS B 210 -26.04 0.00 19.88
CA LYS B 210 -27.36 0.28 20.45
C LYS B 210 -27.34 1.50 21.36
N LEU B 211 -26.16 1.93 21.82
CA LEU B 211 -26.09 3.13 22.64
C LEU B 211 -26.51 4.36 21.85
N GLU B 212 -26.40 4.32 20.52
CA GLU B 212 -26.82 5.47 19.71
C GLU B 212 -28.29 5.79 19.94
N ALA B 213 -29.12 4.76 20.15
CA ALA B 213 -30.54 5.00 20.37
C ALA B 213 -30.79 5.85 21.61
N LYS B 214 -29.94 5.70 22.63
CA LYS B 214 -30.07 6.48 23.87
C LYS B 214 -29.43 7.85 23.72
N VAL B 215 -28.24 7.91 23.15
CA VAL B 215 -27.39 9.11 23.18
C VAL B 215 -27.66 10.02 21.99
N GLY B 216 -27.73 9.45 20.78
CA GLY B 216 -27.98 10.24 19.60
C GLY B 216 -26.81 11.07 19.11
N LEU B 217 -25.58 10.71 19.48
CA LEU B 217 -24.43 11.49 19.07
C LEU B 217 -24.22 11.44 17.55
N ILE B 218 -24.34 10.25 16.95
CA ILE B 218 -24.16 10.15 15.49
C ILE B 218 -25.24 10.93 14.76
N ASN B 219 -26.50 10.80 15.21
CA ASN B 219 -27.59 11.59 14.64
C ASN B 219 -27.26 13.07 14.66
N TRP B 220 -26.66 13.54 15.74
CA TRP B 220 -26.31 14.95 15.86
C TRP B 220 -25.14 15.30 14.95
N LEU B 221 -24.16 14.42 14.83
CA LEU B 221 -22.96 14.74 14.06
C LEU B 221 -23.32 15.01 12.60
N ILE B 222 -24.30 14.28 12.05
CA ILE B 222 -24.62 14.39 10.64
C ILE B 222 -25.83 15.28 10.37
N GLN B 223 -26.43 15.87 11.40
CA GLN B 223 -27.65 16.63 11.23
C GLN B 223 -27.47 17.73 10.19
N ASP B 224 -28.55 18.03 9.49
CA ASP B 224 -28.60 19.07 8.47
C ASP B 224 -30.06 19.45 8.31
N PRO B 225 -30.60 20.30 9.18
CA PRO B 225 -32.05 20.50 9.22
C PRO B 225 -32.59 20.92 7.86
N GLY B 226 -33.69 20.27 7.47
CA GLY B 226 -34.34 20.57 6.20
C GLY B 226 -33.78 19.84 5.00
N ASN B 227 -32.77 18.99 5.19
CA ASN B 227 -32.15 18.28 4.07
C ASN B 227 -32.69 16.86 3.98
N PRO B 228 -33.49 16.54 2.95
CA PRO B 228 -34.12 15.21 2.90
C PRO B 228 -33.15 14.06 2.78
N ALA B 229 -32.02 14.25 2.10
CA ALA B 229 -31.05 13.17 2.00
C ALA B 229 -30.46 12.85 3.36
N VAL B 230 -30.23 13.88 4.19
CA VAL B 230 -29.68 13.64 5.52
C VAL B 230 -30.75 13.03 6.43
N ALA B 231 -32.00 13.46 6.26
CA ALA B 231 -33.10 12.83 6.99
C ALA B 231 -33.12 11.33 6.76
N ALA B 232 -32.95 10.90 5.51
CA ALA B 232 -32.92 9.48 5.21
C ALA B 232 -31.73 8.81 5.87
N GLU B 233 -30.59 9.48 5.89
CA GLU B 233 -29.41 8.95 6.57
C GLU B 233 -29.67 8.81 8.07
N GLN B 234 -30.28 9.82 8.67
CA GLN B 234 -30.57 9.73 10.10
C GLN B 234 -31.57 8.61 10.40
N GLU B 235 -32.55 8.41 9.50
CA GLU B 235 -33.47 7.29 9.69
C GLU B 235 -32.73 5.95 9.61
N PHE B 236 -31.76 5.85 8.71
CA PHE B 236 -30.96 4.64 8.59
C PHE B 236 -30.14 4.39 9.85
N VAL B 237 -29.57 5.45 10.43
CA VAL B 237 -28.83 5.30 11.67
C VAL B 237 -29.74 4.81 12.78
N ARG B 238 -30.95 5.38 12.88
CA ARG B 238 -31.89 4.98 13.93
C ARG B 238 -32.27 3.51 13.77
N ARG B 239 -32.56 3.10 12.52
CA ARG B 239 -32.83 1.69 12.25
C ARG B 239 -31.68 0.80 12.71
N LEU B 240 -30.45 1.15 12.35
CA LEU B 240 -29.30 0.36 12.74
C LEU B 240 -29.21 0.26 14.26
N ALA B 241 -29.41 1.39 14.94
CA ALA B 241 -29.16 1.45 16.38
C ALA B 241 -29.98 0.41 17.12
N GLY B 242 -31.21 0.18 16.69
CA GLY B 242 -32.10 -0.73 17.38
C GLY B 242 -32.10 -2.16 16.92
N LEU B 243 -31.46 -2.45 15.79
CA LEU B 243 -31.44 -3.81 15.22
C LEU B 243 -30.55 -4.74 16.07
N GLU B 244 -30.78 -6.03 15.98
CA GLU B 244 -29.93 -7.01 16.69
C GLU B 244 -28.54 -6.95 16.06
N PRO B 245 -27.48 -7.27 16.82
CA PRO B 245 -26.12 -7.15 16.30
C PRO B 245 -25.89 -7.70 14.89
N ALA B 246 -26.35 -8.91 14.57
CA ALA B 246 -26.08 -9.46 13.25
C ALA B 246 -26.81 -8.69 12.15
N ASP B 247 -27.95 -8.09 12.49
CA ASP B 247 -28.71 -7.33 11.50
C ASP B 247 -28.05 -6.00 11.18
N LYS B 248 -27.56 -5.27 12.20
CA LYS B 248 -26.88 -4.02 11.89
C LYS B 248 -25.58 -4.27 11.14
N ARG B 249 -24.95 -5.42 11.37
CA ARG B 249 -23.74 -5.76 10.63
C ARG B 249 -24.06 -6.02 9.16
N LYS B 250 -25.09 -6.82 8.90
CA LYS B 250 -25.52 -7.06 7.52
C LYS B 250 -25.87 -5.77 6.82
N LEU B 251 -26.63 -4.90 7.49
CA LEU B 251 -27.07 -3.66 6.84
C LEU B 251 -25.89 -2.75 6.52
N MET B 252 -24.94 -2.63 7.45
CA MET B 252 -23.78 -1.79 7.18
C MET B 252 -22.91 -2.40 6.08
N VAL B 253 -22.79 -3.73 6.03
CA VAL B 253 -21.99 -4.34 4.99
C VAL B 253 -22.66 -4.13 3.63
N ASP B 254 -23.99 -4.26 3.59
CA ASP B 254 -24.72 -3.95 2.36
C ASP B 254 -24.47 -2.50 1.91
N LEU B 255 -24.49 -1.56 2.86
CA LEU B 255 -24.25 -0.17 2.52
C LEU B 255 -22.85 0.00 1.95
N TYR B 256 -21.86 -0.59 2.64
CA TYR B 256 -20.48 -0.55 2.17
C TYR B 256 -20.38 -1.08 0.76
N LYS B 257 -21.02 -2.22 0.49
CA LYS B 257 -20.96 -2.80 -0.85
C LYS B 257 -21.58 -1.86 -1.87
N ARG B 258 -22.68 -1.20 -1.50
CA ARG B 258 -23.33 -0.30 -2.44
C ARG B 258 -22.48 0.94 -2.71
N VAL B 259 -21.75 1.44 -1.69
CA VAL B 259 -20.88 2.59 -1.89
C VAL B 259 -19.69 2.20 -2.75
N ILE B 260 -19.02 1.09 -2.40
CA ILE B 260 -17.80 0.71 -3.11
C ILE B 260 -18.11 0.37 -4.57
N ASP B 261 -19.17 -0.41 -4.79
CA ASP B 261 -19.58 -0.72 -6.15
C ASP B 261 -19.93 0.56 -6.90
N GLY B 262 -20.63 1.49 -6.22
CA GLY B 262 -21.09 2.69 -6.89
C GLY B 262 -19.97 3.60 -7.33
N VAL B 263 -18.84 3.59 -6.62
CA VAL B 263 -17.75 4.52 -6.91
C VAL B 263 -16.55 3.87 -7.56
N ALA B 264 -16.50 2.54 -7.65
CA ALA B 264 -15.24 1.88 -8.01
C ALA B 264 -14.79 2.15 -9.44
N ASP B 265 -15.68 2.61 -10.32
CA ASP B 265 -15.34 2.85 -11.73
C ASP B 265 -15.30 4.33 -12.07
N LEU B 266 -15.21 5.20 -11.07
CA LEU B 266 -15.31 6.65 -11.30
C LEU B 266 -13.97 7.35 -11.46
N GLY B 267 -12.87 6.71 -11.11
CA GLY B 267 -11.55 7.26 -11.34
C GLY B 267 -10.89 7.88 -10.13
N PHE B 268 -11.52 7.82 -8.98
CA PHE B 268 -10.95 8.37 -7.75
C PHE B 268 -10.19 7.29 -7.00
N PRO B 269 -8.93 7.51 -6.62
CA PRO B 269 -8.30 6.60 -5.64
C PRO B 269 -9.14 6.56 -4.38
N LEU B 270 -9.18 5.38 -3.75
CA LEU B 270 -10.04 5.18 -2.60
C LEU B 270 -9.24 4.66 -1.41
N SER B 271 -9.52 5.24 -0.24
CA SER B 271 -9.13 4.68 1.04
C SER B 271 -10.37 4.52 1.90
N VAL B 272 -10.21 3.80 3.01
CA VAL B 272 -11.33 3.51 3.92
C VAL B 272 -11.00 4.11 5.26
N HIS B 273 -11.95 4.85 5.82
CA HIS B 273 -11.80 5.49 7.12
C HIS B 273 -12.82 4.89 8.07
N LEU B 274 -12.35 4.13 9.04
CA LEU B 274 -13.22 3.42 9.98
C LEU B 274 -13.36 4.25 11.25
N GLU B 275 -14.59 4.48 11.68
CA GLU B 275 -14.87 5.21 12.90
CA GLU B 275 -14.88 5.22 12.89
C GLU B 275 -15.74 4.37 13.82
N ALA B 276 -15.45 4.45 15.12
CA ALA B 276 -16.27 3.84 16.17
C ALA B 276 -16.57 4.98 17.14
N THR B 277 -17.60 5.76 16.81
CA THR B 277 -17.86 7.02 17.51
C THR B 277 -17.91 6.83 19.02
N TYR B 278 -18.49 5.73 19.47
CA TYR B 278 -18.68 5.48 20.89
C TYR B 278 -17.52 4.70 21.51
N GLY B 279 -16.48 4.43 20.74
CA GLY B 279 -15.34 3.70 21.25
C GLY B 279 -15.07 2.42 20.49
N VAL B 280 -13.79 2.08 20.37
CA VAL B 280 -13.42 0.83 19.72
C VAL B 280 -13.97 -0.32 20.55
N SER B 281 -14.45 -1.35 19.85
CA SER B 281 -15.05 -2.51 20.49
C SER B 281 -14.95 -3.66 19.51
N VAL B 282 -15.12 -4.87 20.04
CA VAL B 282 -15.02 -6.06 19.19
C VAL B 282 -16.19 -6.07 18.22
N PRO B 283 -17.43 -5.76 18.66
CA PRO B 283 -18.54 -5.69 17.68
C PRO B 283 -18.30 -4.70 16.55
N ALA B 284 -17.77 -3.50 16.85
CA ALA B 284 -17.45 -2.57 15.77
C ALA B 284 -16.51 -3.22 14.76
N PHE B 285 -15.47 -3.90 15.25
CA PHE B 285 -14.47 -4.49 14.39
C PHE B 285 -15.00 -5.72 13.66
N GLU B 286 -15.98 -6.43 14.24
CA GLU B 286 -16.60 -7.50 13.50
C GLU B 286 -17.25 -6.98 12.22
N THR B 287 -17.90 -5.81 12.33
CA THR B 287 -18.47 -5.16 11.15
C THR B 287 -17.36 -4.71 10.19
N PHE B 288 -16.36 -3.99 10.71
CA PHE B 288 -15.25 -3.54 9.87
C PHE B 288 -14.63 -4.71 9.10
N ALA B 289 -14.41 -5.83 9.79
CA ALA B 289 -13.75 -6.97 9.16
C ALA B 289 -14.57 -7.50 7.99
N GLU B 290 -15.89 -7.60 8.15
CA GLU B 290 -16.72 -8.08 7.05
C GLU B 290 -16.71 -7.09 5.90
N MET B 291 -16.70 -5.80 6.22
CA MET B 291 -16.59 -4.78 5.18
C MET B 291 -15.31 -4.98 4.39
N LEU B 292 -14.18 -5.05 5.08
CA LEU B 292 -12.88 -5.14 4.42
C LEU B 292 -12.67 -6.47 3.74
N ALA B 293 -13.39 -7.51 4.16
CA ALA B 293 -13.37 -8.76 3.43
C ALA B 293 -14.01 -8.63 2.05
N TYR B 294 -15.00 -7.75 1.91
CA TYR B 294 -15.58 -7.51 0.59
C TYR B 294 -14.60 -6.73 -0.30
N TRP B 295 -14.12 -5.60 0.18
CA TRP B 295 -13.10 -4.85 -0.54
C TRP B 295 -12.25 -4.05 0.44
N SER B 296 -10.95 -3.99 0.16
CA SER B 296 -10.02 -3.19 0.94
C SER B 296 -9.08 -2.47 0.00
N PRO B 297 -8.61 -1.27 0.37
CA PRO B 297 -7.76 -0.43 -0.48
C PRO B 297 -6.50 -1.12 -0.99
#